data_4ILY
#
_entry.id   4ILY
#
_cell.length_a   39.067
_cell.length_b   115.351
_cell.length_c   57.339
_cell.angle_alpha   90.000
_cell.angle_beta   107.080
_cell.angle_gamma   90.000
#
_symmetry.space_group_name_H-M   'P 1 21 1'
#
loop_
_entity.id
_entity.type
_entity.pdbx_description
1 polymer Chitosanase
2 water water
#
_entity_poly.entity_id   1
_entity_poly.type   'polypeptide(L)'
_entity_poly.pdbx_seq_one_letter_code
;SAPTQPAAHHLEAAATGLDDPAKKDIAMQLVSSAENSTLDWKAQYGYIEDIGDGRGYTAGIIGFCSGTGDMLALVERYTD
RSPGNVLASYLPALREVDGTDSHDGLDPGFPRDWAEAAKDPVFQQAQNDERDRVYFDPAVRQAKDDGLGTLGQFAYYDAI
VMHGGGGDSTSFGSIRQRALAEAEPPSRGGDEVAYLDAFLDARVWAMRQEEAHSDTSRVDTAQRVFLRDGNLNLDPPLDW
QVYGDSFHIG
;
_entity_poly.pdbx_strand_id   A,B
#
# COMPACT_ATOMS: atom_id res chain seq x y z
N ALA A 15 34.50 -13.66 -12.62
CA ALA A 15 33.80 -14.93 -12.45
C ALA A 15 33.85 -15.39 -11.00
N THR A 16 34.25 -14.50 -10.09
CA THR A 16 34.44 -14.89 -8.69
C THR A 16 33.41 -14.28 -7.75
N GLY A 17 33.23 -14.92 -6.59
CA GLY A 17 32.33 -14.40 -5.57
C GLY A 17 30.92 -14.25 -6.10
N LEU A 18 30.27 -13.15 -5.74
CA LEU A 18 28.88 -12.89 -6.08
C LEU A 18 28.70 -12.59 -7.57
N ASP A 19 29.79 -12.28 -8.25
CA ASP A 19 29.76 -12.04 -9.69
C ASP A 19 29.58 -13.32 -10.52
N ASP A 20 29.82 -14.49 -9.91
CA ASP A 20 29.46 -15.76 -10.56
C ASP A 20 27.95 -15.76 -10.76
N PRO A 21 27.49 -16.04 -12.00
CA PRO A 21 26.06 -15.95 -12.33
C PRO A 21 25.15 -16.74 -11.39
N ALA A 22 25.58 -17.93 -10.97
CA ALA A 22 24.79 -18.73 -10.04
C ALA A 22 24.69 -18.08 -8.67
N LYS A 23 25.82 -17.58 -8.17
CA LYS A 23 25.82 -16.89 -6.89
C LYS A 23 25.06 -15.57 -6.97
N LYS A 24 25.18 -14.87 -8.10
CA LYS A 24 24.43 -13.63 -8.27
C LYS A 24 22.93 -13.86 -8.15
N ASP A 25 22.45 -14.95 -8.73
CA ASP A 25 21.02 -15.20 -8.69
C ASP A 25 20.58 -15.62 -7.29
N ILE A 26 21.44 -16.35 -6.61
CA ILE A 26 21.21 -16.65 -5.19
C ILE A 26 21.04 -15.37 -4.39
N ALA A 27 21.93 -14.40 -4.61
CA ALA A 27 21.78 -13.09 -3.99
C ALA A 27 20.39 -12.49 -4.28
N MET A 28 19.99 -12.51 -5.55
CA MET A 28 18.69 -11.92 -5.90
C MET A 28 17.54 -12.65 -5.22
N GLN A 29 17.66 -13.97 -5.10
CA GLN A 29 16.66 -14.78 -4.39
C GLN A 29 16.61 -14.45 -2.90
N LEU A 30 17.78 -14.31 -2.29
CA LEU A 30 17.86 -14.01 -0.86
C LEU A 30 17.25 -12.66 -0.56
N VAL A 31 17.57 -11.66 -1.39
CA VAL A 31 16.97 -10.34 -1.18
C VAL A 31 15.44 -10.41 -1.35
N SER A 32 15.01 -11.16 -2.36
CA SER A 32 13.59 -11.29 -2.65
C SER A 32 12.82 -11.94 -1.51
N SER A 33 13.44 -12.89 -0.82
CA SER A 33 12.77 -13.54 0.31
C SER A 33 12.42 -12.53 1.38
N ALA A 34 13.27 -11.52 1.56
CA ALA A 34 13.00 -10.47 2.54
C ALA A 34 12.04 -9.39 1.99
N GLU A 35 12.17 -9.03 0.73
CA GLU A 35 11.34 -7.95 0.18
C GLU A 35 9.96 -8.40 -0.28
N ASN A 36 9.87 -9.66 -0.73
CA ASN A 36 8.65 -10.17 -1.36
C ASN A 36 8.08 -11.42 -0.71
N SER A 37 8.81 -11.98 0.25
CA SER A 37 8.47 -13.27 0.85
C SER A 37 8.36 -14.41 -0.16
N THR A 38 9.16 -14.31 -1.23
CA THR A 38 9.30 -15.39 -2.20
C THR A 38 10.71 -15.35 -2.83
N LEU A 39 11.14 -16.47 -3.41
CA LEU A 39 12.43 -16.50 -4.10
C LEU A 39 12.26 -15.94 -5.51
N ASP A 40 11.02 -15.79 -5.95
CA ASP A 40 10.74 -15.38 -7.33
C ASP A 40 10.87 -13.87 -7.54
N TRP A 41 12.09 -13.38 -7.64
CA TRP A 41 12.31 -11.94 -7.75
C TRP A 41 11.80 -11.35 -9.06
N LYS A 42 11.82 -12.15 -10.12
CA LYS A 42 11.36 -11.69 -11.43
C LYS A 42 9.87 -11.36 -11.50
N ALA A 43 9.08 -11.92 -10.59
CA ALA A 43 7.63 -11.64 -10.55
C ALA A 43 7.32 -10.16 -10.35
N GLN A 44 8.32 -9.40 -9.89
CA GLN A 44 8.13 -7.98 -9.60
C GLN A 44 8.41 -7.02 -10.76
N TYR A 45 8.81 -7.52 -11.92
CA TYR A 45 9.09 -6.65 -13.06
C TYR A 45 7.89 -5.74 -13.32
N GLY A 46 6.69 -6.33 -13.31
CA GLY A 46 5.46 -5.59 -13.63
C GLY A 46 4.72 -4.98 -12.46
N TYR A 47 5.22 -5.20 -11.24
CA TYR A 47 4.58 -4.63 -10.05
C TYR A 47 4.60 -3.11 -10.07
N ILE A 48 3.47 -2.50 -9.70
CA ILE A 48 3.40 -1.04 -9.54
C ILE A 48 2.24 -0.60 -8.62
N GLU A 49 2.57 0.12 -7.54
CA GLU A 49 1.59 0.70 -6.62
C GLU A 49 2.14 1.94 -5.94
N ASP A 50 1.24 2.86 -5.60
CA ASP A 50 1.55 3.94 -4.66
C ASP A 50 1.15 3.47 -3.26
N ILE A 51 2.13 3.17 -2.40
CA ILE A 51 1.82 2.59 -1.10
C ILE A 51 1.62 3.63 0.01
N GLY A 52 1.64 4.92 -0.36
CA GLY A 52 1.36 5.99 0.58
C GLY A 52 2.51 6.33 1.49
N ASP A 53 3.74 6.05 1.05
CA ASP A 53 4.93 6.37 1.84
C ASP A 53 5.53 7.74 1.48
N GLY A 54 4.89 8.44 0.55
CA GLY A 54 5.33 9.75 0.11
C GLY A 54 6.22 9.69 -1.14
N ARG A 55 6.46 8.49 -1.64
CA ARG A 55 7.37 8.34 -2.78
CA ARG A 55 7.37 8.30 -2.78
C ARG A 55 6.67 8.20 -4.12
N GLY A 56 5.34 8.35 -4.11
CA GLY A 56 4.59 8.21 -5.35
C GLY A 56 4.43 6.76 -5.74
N TYR A 57 4.54 6.47 -7.03
CA TYR A 57 4.49 5.09 -7.51
C TYR A 57 5.77 4.39 -7.21
N THR A 58 5.64 3.19 -6.61
CA THR A 58 6.78 2.30 -6.37
C THR A 58 6.62 1.11 -7.32
N ALA A 59 7.68 0.74 -8.05
CA ALA A 59 7.52 -0.25 -9.10
C ALA A 59 8.78 -1.04 -9.42
N GLY A 60 8.58 -2.18 -10.07
CA GLY A 60 9.68 -2.98 -10.58
C GLY A 60 10.42 -3.77 -9.53
N ILE A 61 11.55 -4.32 -9.92
CA ILE A 61 12.23 -5.32 -9.09
C ILE A 61 12.86 -4.77 -7.83
N ILE A 62 13.21 -3.49 -7.81
CA ILE A 62 13.79 -2.91 -6.59
C ILE A 62 12.94 -1.82 -5.97
N GLY A 63 11.74 -1.64 -6.51
CA GLY A 63 10.90 -0.56 -6.04
C GLY A 63 11.44 0.80 -6.47
N PHE A 64 11.63 0.97 -7.77
CA PHE A 64 11.92 2.28 -8.35
C PHE A 64 10.73 3.21 -8.03
N CYS A 65 11.00 4.48 -7.68
CA CYS A 65 9.92 5.41 -7.32
C CYS A 65 9.83 6.64 -8.22
N SER A 66 8.62 7.09 -8.52
CA SER A 66 8.42 8.32 -9.27
C SER A 66 8.85 9.57 -8.48
N GLY A 67 8.86 9.45 -7.16
CA GLY A 67 9.18 10.59 -6.32
C GLY A 67 10.66 10.79 -6.00
N THR A 68 11.50 9.81 -6.34
CA THR A 68 12.87 9.83 -5.88
C THR A 68 13.92 9.87 -6.98
N GLY A 69 13.48 9.84 -8.24
CA GLY A 69 14.39 10.00 -9.36
C GLY A 69 14.85 8.72 -10.03
N ASP A 70 14.74 7.60 -9.34
CA ASP A 70 15.29 6.36 -9.93
C ASP A 70 14.35 5.72 -10.96
N MET A 71 13.04 5.88 -10.78
CA MET A 71 12.12 5.46 -11.85
C MET A 71 12.38 6.27 -13.11
N LEU A 72 12.56 7.58 -12.92
CA LEU A 72 12.86 8.46 -14.04
C LEU A 72 14.14 8.04 -14.78
N ALA A 73 15.22 7.82 -14.04
CA ALA A 73 16.47 7.36 -14.67
C ALA A 73 16.26 6.03 -15.40
N LEU A 74 15.50 5.11 -14.81
CA LEU A 74 15.18 3.84 -15.48
C LEU A 74 14.43 4.05 -16.80
N VAL A 75 13.38 4.87 -16.79
CA VAL A 75 12.61 5.04 -18.02
C VAL A 75 13.43 5.78 -19.08
N GLU A 76 14.27 6.71 -18.66
CA GLU A 76 15.17 7.38 -19.60
C GLU A 76 16.10 6.37 -20.29
N ARG A 77 16.65 5.43 -19.52
CA ARG A 77 17.57 4.43 -20.06
C ARG A 77 16.87 3.44 -20.99
N TYR A 78 15.70 2.98 -20.59
CA TYR A 78 14.84 2.15 -21.43
C TYR A 78 14.57 2.86 -22.75
N THR A 79 14.28 4.15 -22.69
CA THR A 79 13.92 4.90 -23.89
C THR A 79 15.12 5.13 -24.81
N ASP A 80 16.31 5.32 -24.23
CA ASP A 80 17.54 5.35 -25.02
C ASP A 80 17.71 4.09 -25.86
N ARG A 81 17.39 2.95 -25.25
CA ARG A 81 17.57 1.66 -25.90
C ARG A 81 16.39 1.28 -26.78
N SER A 82 15.22 1.87 -26.51
CA SER A 82 14.00 1.49 -27.21
C SER A 82 13.11 2.71 -27.46
N PRO A 83 13.49 3.54 -28.44
CA PRO A 83 12.73 4.79 -28.64
C PRO A 83 11.26 4.54 -28.96
N GLY A 84 10.39 5.42 -28.46
CA GLY A 84 8.96 5.31 -28.68
C GLY A 84 8.32 4.08 -28.03
N ASN A 85 8.96 3.55 -27.00
CA ASN A 85 8.34 2.49 -26.21
C ASN A 85 7.11 3.04 -25.49
N VAL A 86 6.29 2.16 -24.91
CA VAL A 86 5.02 2.60 -24.33
C VAL A 86 5.15 3.58 -23.16
N LEU A 87 6.28 3.58 -22.48
CA LEU A 87 6.47 4.45 -21.32
C LEU A 87 7.06 5.81 -21.71
N ALA A 88 7.56 5.92 -22.95
CA ALA A 88 8.28 7.12 -23.39
C ALA A 88 7.43 8.38 -23.29
N SER A 89 6.14 8.27 -23.60
CA SER A 89 5.23 9.42 -23.55
C SER A 89 5.12 9.99 -22.13
N TYR A 90 5.49 9.19 -21.14
CA TYR A 90 5.37 9.64 -19.76
C TYR A 90 6.59 10.39 -19.26
N LEU A 91 7.63 10.49 -20.07
CA LEU A 91 8.85 11.16 -19.62
C LEU A 91 8.69 12.62 -19.13
N PRO A 92 7.97 13.48 -19.90
CA PRO A 92 7.70 14.82 -19.37
C PRO A 92 7.06 14.76 -17.98
N ALA A 93 6.03 13.94 -17.80
CA ALA A 93 5.38 13.82 -16.49
C ALA A 93 6.33 13.33 -15.41
N LEU A 94 7.12 12.30 -15.73
CA LEU A 94 8.06 11.75 -14.74
C LEU A 94 9.11 12.77 -14.34
N ARG A 95 9.55 13.57 -15.30
CA ARG A 95 10.52 14.64 -15.02
C ARG A 95 9.90 15.69 -14.10
N GLU A 96 8.60 15.93 -14.29
CA GLU A 96 7.90 16.94 -13.52
C GLU A 96 7.55 16.54 -12.09
N VAL A 97 7.04 15.32 -11.90
CA VAL A 97 6.64 14.88 -10.56
C VAL A 97 7.82 14.45 -9.67
N ASP A 98 8.98 14.28 -10.29
CA ASP A 98 10.21 13.92 -9.58
C ASP A 98 10.39 14.80 -8.33
N GLY A 99 10.58 14.15 -7.18
CA GLY A 99 10.73 14.88 -5.93
C GLY A 99 9.44 15.00 -5.13
N THR A 100 8.33 14.52 -5.69
CA THR A 100 7.02 14.62 -5.05
C THR A 100 6.26 13.31 -5.19
N ASP A 101 5.17 13.16 -4.46
CA ASP A 101 4.30 11.98 -4.59
C ASP A 101 3.17 12.14 -5.62
N SER A 102 3.23 13.20 -6.42
CA SER A 102 2.17 13.51 -7.40
C SER A 102 2.03 12.47 -8.52
N HIS A 103 0.78 12.23 -8.94
CA HIS A 103 0.49 11.36 -10.07
C HIS A 103 0.13 12.16 -11.33
N ASP A 104 0.36 13.47 -11.29
CA ASP A 104 0.00 14.35 -12.42
C ASP A 104 0.68 13.92 -13.72
N GLY A 105 -0.12 13.60 -14.74
CA GLY A 105 0.45 13.20 -16.02
C GLY A 105 0.71 11.71 -16.12
N LEU A 106 0.57 11.01 -15.00
CA LEU A 106 0.75 9.54 -14.99
C LEU A 106 -0.62 8.83 -15.01
N ASP A 107 -1.55 9.29 -14.19
CA ASP A 107 -2.88 8.68 -14.17
C ASP A 107 -3.71 9.19 -15.33
N PRO A 108 -4.64 8.36 -15.86
CA PRO A 108 -4.96 7.00 -15.36
C PRO A 108 -4.12 5.86 -15.93
N GLY A 109 -3.42 6.08 -17.05
CA GLY A 109 -2.82 4.99 -17.80
C GLY A 109 -1.47 4.40 -17.39
N PHE A 110 -0.73 5.06 -16.52
CA PHE A 110 0.64 4.64 -16.19
C PHE A 110 0.80 3.21 -15.64
N PRO A 111 -0.01 2.82 -14.63
CA PRO A 111 0.15 1.45 -14.14
C PRO A 111 -0.11 0.38 -15.20
N ARG A 112 -1.15 0.55 -16.00
CA ARG A 112 -1.42 -0.34 -17.14
C ARG A 112 -0.21 -0.44 -18.07
N ASP A 113 0.33 0.73 -18.42
CA ASP A 113 1.42 0.79 -19.38
C ASP A 113 2.71 0.23 -18.79
N TRP A 114 2.91 0.43 -17.49
CA TRP A 114 4.04 -0.20 -16.78
C TRP A 114 3.98 -1.71 -16.91
N ALA A 115 2.80 -2.27 -16.61
CA ALA A 115 2.63 -3.72 -16.70
C ALA A 115 2.90 -4.24 -18.13
N GLU A 116 2.45 -3.50 -19.13
CA GLU A 116 2.70 -3.87 -20.53
C GLU A 116 4.19 -3.86 -20.84
N ALA A 117 4.88 -2.79 -20.45
CA ALA A 117 6.31 -2.69 -20.67
C ALA A 117 7.08 -3.84 -20.03
N ALA A 118 6.61 -4.29 -18.88
CA ALA A 118 7.29 -5.36 -18.16
C ALA A 118 7.31 -6.68 -18.94
N LYS A 119 6.48 -6.78 -19.99
CA LYS A 119 6.51 -7.94 -20.88
C LYS A 119 7.67 -7.87 -21.86
N ASP A 120 8.27 -6.70 -21.98
CA ASP A 120 9.36 -6.47 -22.94
C ASP A 120 10.69 -6.84 -22.29
N PRO A 121 11.40 -7.84 -22.85
CA PRO A 121 12.70 -8.28 -22.33
C PRO A 121 13.70 -7.13 -22.23
N VAL A 122 13.55 -6.16 -23.12
CA VAL A 122 14.37 -4.96 -23.08
C VAL A 122 14.12 -4.10 -21.83
N PHE A 123 12.87 -3.98 -21.40
CA PHE A 123 12.57 -3.27 -20.15
C PHE A 123 13.09 -4.07 -18.98
N GLN A 124 12.90 -5.39 -19.03
CA GLN A 124 13.41 -6.25 -17.97
C GLN A 124 14.92 -6.08 -17.85
N GLN A 125 15.62 -6.05 -18.98
CA GLN A 125 17.07 -5.86 -18.93
C GLN A 125 17.44 -4.47 -18.39
N ALA A 126 16.63 -3.47 -18.73
CA ALA A 126 16.87 -2.12 -18.24
C ALA A 126 16.75 -2.08 -16.72
N GLN A 127 15.76 -2.78 -16.19
CA GLN A 127 15.61 -2.91 -14.74
C GLN A 127 16.81 -3.60 -14.11
N ASN A 128 17.23 -4.73 -14.70
CA ASN A 128 18.42 -5.42 -14.20
C ASN A 128 19.63 -4.52 -14.15
N ASP A 129 19.84 -3.77 -15.24
CA ASP A 129 21.03 -2.94 -15.39
C ASP A 129 21.06 -1.75 -14.42
N GLU A 130 19.89 -1.18 -14.11
CA GLU A 130 19.82 -0.07 -13.16
C GLU A 130 20.02 -0.54 -11.72
N ARG A 131 19.43 -1.68 -11.38
CA ARG A 131 19.71 -2.35 -10.11
C ARG A 131 21.21 -2.58 -9.95
N ASP A 132 21.86 -3.08 -11.01
CA ASP A 132 23.29 -3.37 -10.93
C ASP A 132 24.16 -2.11 -10.89
N ARG A 133 23.78 -1.07 -11.62
CA ARG A 133 24.54 0.18 -11.62
C ARG A 133 24.55 0.83 -10.24
N VAL A 134 23.38 0.89 -9.62
CA VAL A 134 23.22 1.59 -8.34
C VAL A 134 23.54 0.73 -7.09
N TYR A 135 23.16 -0.54 -7.11
CA TYR A 135 23.25 -1.38 -5.91
C TYR A 135 24.27 -2.49 -5.99
N PHE A 136 24.09 -3.37 -6.97
CA PHE A 136 24.87 -4.60 -7.00
C PHE A 136 26.37 -4.39 -7.27
N ASP A 137 26.70 -3.74 -8.39
CA ASP A 137 28.11 -3.51 -8.71
C ASP A 137 28.89 -2.75 -7.62
N PRO A 138 28.32 -1.64 -7.10
CA PRO A 138 29.05 -0.92 -6.05
C PRO A 138 29.23 -1.72 -4.76
N ALA A 139 28.22 -2.49 -4.35
CA ALA A 139 28.30 -3.27 -3.12
C ALA A 139 29.33 -4.39 -3.26
N VAL A 140 29.27 -5.11 -4.39
CA VAL A 140 30.21 -6.21 -4.62
C VAL A 140 31.63 -5.70 -4.76
N ARG A 141 31.81 -4.60 -5.49
CA ARG A 141 33.14 -4.03 -5.66
C ARG A 141 33.73 -3.59 -4.32
N GLN A 142 32.93 -2.93 -3.49
CA GLN A 142 33.42 -2.49 -2.17
C GLN A 142 33.78 -3.67 -1.26
N ALA A 143 32.94 -4.71 -1.27
CA ALA A 143 33.22 -5.93 -0.52
C ALA A 143 34.52 -6.62 -0.94
N LYS A 144 34.71 -6.77 -2.25
CA LYS A 144 35.95 -7.37 -2.77
C LYS A 144 37.18 -6.55 -2.40
N ASP A 145 37.04 -5.23 -2.45
CA ASP A 145 38.13 -4.34 -2.06
C ASP A 145 38.46 -4.51 -0.57
N ASP A 146 37.43 -4.80 0.23
CA ASP A 146 37.62 -5.00 1.66
C ASP A 146 38.14 -6.42 1.92
N GLY A 147 38.26 -7.21 0.86
CA GLY A 147 38.82 -8.55 0.95
C GLY A 147 37.84 -9.61 1.45
N LEU A 148 36.55 -9.42 1.18
CA LEU A 148 35.52 -10.32 1.67
C LEU A 148 35.12 -11.39 0.66
N GLY A 149 34.76 -12.57 1.16
CA GLY A 149 34.21 -13.65 0.35
C GLY A 149 32.76 -13.46 -0.08
N THR A 150 32.16 -14.50 -0.61
CA THR A 150 30.83 -14.38 -1.22
C THR A 150 29.75 -13.97 -0.22
N LEU A 151 29.82 -14.53 0.97
CA LEU A 151 28.84 -14.18 2.02
C LEU A 151 28.95 -12.71 2.36
N GLY A 152 30.19 -12.24 2.53
CA GLY A 152 30.43 -10.86 2.86
C GLY A 152 29.94 -9.95 1.75
N GLN A 153 30.16 -10.37 0.51
CA GLN A 153 29.68 -9.62 -0.64
C GLN A 153 28.17 -9.55 -0.63
N PHE A 154 27.52 -10.66 -0.29
CA PHE A 154 26.08 -10.63 -0.16
C PHE A 154 25.60 -9.69 0.96
N ALA A 155 26.26 -9.74 2.12
CA ALA A 155 25.88 -8.85 3.22
C ALA A 155 25.91 -7.37 2.81
N TYR A 156 26.96 -6.98 2.09
CA TYR A 156 27.03 -5.61 1.56
C TYR A 156 25.87 -5.32 0.60
N TYR A 157 25.56 -6.26 -0.27
CA TYR A 157 24.46 -6.04 -1.23
C TYR A 157 23.10 -5.87 -0.56
N ASP A 158 22.78 -6.75 0.39
CA ASP A 158 21.51 -6.65 1.09
C ASP A 158 21.41 -5.34 1.84
N ALA A 159 22.56 -4.88 2.34
CA ALA A 159 22.61 -3.63 3.10
C ALA A 159 22.34 -2.43 2.21
N ILE A 160 23.01 -2.39 1.06
CA ILE A 160 22.82 -1.25 0.16
C ILE A 160 21.42 -1.24 -0.44
N VAL A 161 20.85 -2.41 -0.67
CA VAL A 161 19.47 -2.48 -1.15
C VAL A 161 18.47 -1.82 -0.21
N MET A 162 18.55 -2.16 1.07
CA MET A 162 17.63 -1.59 2.07
C MET A 162 17.99 -0.15 2.45
N HIS A 163 19.28 0.13 2.60
CA HIS A 163 19.72 1.41 3.17
C HIS A 163 20.22 2.47 2.17
N GLY A 164 20.42 2.08 0.92
CA GLY A 164 20.86 3.01 -0.12
C GLY A 164 22.32 3.40 -0.03
N GLY A 165 22.81 4.12 -1.04
CA GLY A 165 24.20 4.53 -1.08
C GLY A 165 24.44 6.02 -0.81
N GLY A 166 23.50 6.66 -0.12
CA GLY A 166 23.60 8.06 0.23
C GLY A 166 24.59 8.39 1.35
N GLY A 167 24.54 9.63 1.82
CA GLY A 167 25.43 10.07 2.87
C GLY A 167 24.81 10.13 4.26
N ASP A 168 23.59 9.63 4.38
CA ASP A 168 22.83 9.75 5.63
C ASP A 168 23.36 8.78 6.71
N SER A 169 22.93 8.99 7.94
CA SER A 169 23.53 8.29 9.08
C SER A 169 23.35 6.77 9.07
N THR A 170 22.34 6.28 8.35
CA THR A 170 22.12 4.84 8.30
C THR A 170 22.27 4.29 6.89
N SER A 171 23.01 5.01 6.06
CA SER A 171 23.30 4.56 4.69
C SER A 171 24.27 3.38 4.73
N PHE A 172 24.40 2.67 3.61
CA PHE A 172 25.40 1.60 3.47
C PHE A 172 26.82 2.05 3.85
N GLY A 173 27.22 3.21 3.34
CA GLY A 173 28.53 3.75 3.64
C GLY A 173 28.74 3.98 5.13
N SER A 174 27.70 4.50 5.79
CA SER A 174 27.75 4.78 7.22
C SER A 174 27.77 3.49 8.03
N ILE A 175 27.06 2.48 7.54
CA ILE A 175 27.06 1.16 8.19
C ILE A 175 28.46 0.56 8.12
N ARG A 176 29.05 0.58 6.93
CA ARG A 176 30.43 0.16 6.73
C ARG A 176 31.42 0.91 7.64
N GLN A 177 31.32 2.23 7.71
CA GLN A 177 32.22 3.00 8.57
C GLN A 177 32.12 2.60 10.03
N ARG A 178 30.90 2.32 10.49
CA ARG A 178 30.67 1.84 11.85
C ARG A 178 31.39 0.52 12.09
N ALA A 179 31.31 -0.39 11.12
CA ALA A 179 31.92 -1.71 11.26
C ALA A 179 33.44 -1.62 11.29
N LEU A 180 34.00 -0.81 10.39
CA LEU A 180 35.45 -0.62 10.29
C LEU A 180 36.03 -0.03 11.58
N ALA A 181 35.24 0.76 12.29
CA ALA A 181 35.70 1.33 13.56
C ALA A 181 35.82 0.26 14.64
N GLU A 182 34.97 -0.77 14.57
CA GLU A 182 34.97 -1.85 15.56
C GLU A 182 35.96 -2.96 15.18
N ALA A 183 36.19 -3.16 13.88
CA ALA A 183 37.01 -4.29 13.45
C ALA A 183 37.70 -4.03 12.12
N GLU A 184 38.91 -4.57 11.97
CA GLU A 184 39.64 -4.43 10.72
C GLU A 184 39.14 -5.43 9.68
N PRO A 185 38.99 -4.97 8.43
CA PRO A 185 38.60 -5.86 7.33
C PRO A 185 39.77 -6.74 6.92
N PRO A 186 39.52 -7.85 6.21
CA PRO A 186 40.61 -8.73 5.75
C PRO A 186 41.66 -8.02 4.89
N SER A 187 41.24 -7.01 4.14
CA SER A 187 42.17 -6.25 3.32
C SER A 187 43.23 -5.54 4.15
N ARG A 188 42.97 -5.39 5.45
CA ARG A 188 43.92 -4.73 6.34
C ARG A 188 44.37 -5.71 7.43
N GLY A 189 44.32 -7.00 7.13
CA GLY A 189 44.81 -8.03 8.04
C GLY A 189 43.80 -8.55 9.06
N GLY A 190 42.57 -8.07 9.01
CA GLY A 190 41.55 -8.52 9.95
C GLY A 190 40.97 -9.90 9.69
N ASP A 191 40.56 -10.59 10.76
CA ASP A 191 39.83 -11.85 10.64
C ASP A 191 38.49 -11.59 9.98
N GLU A 192 38.14 -12.36 8.95
CA GLU A 192 36.89 -12.15 8.20
C GLU A 192 35.64 -12.37 9.05
N VAL A 193 35.64 -13.41 9.88
CA VAL A 193 34.44 -13.67 10.69
C VAL A 193 34.17 -12.53 11.68
N ALA A 194 35.20 -12.09 12.38
CA ALA A 194 35.07 -10.98 13.32
C ALA A 194 34.61 -9.70 12.63
N TYR A 195 35.16 -9.42 11.44
CA TYR A 195 34.72 -8.23 10.72
C TYR A 195 33.26 -8.36 10.29
N LEU A 196 32.90 -9.50 9.74
CA LEU A 196 31.52 -9.71 9.31
C LEU A 196 30.53 -9.65 10.48
N ASP A 197 30.94 -10.11 11.67
CA ASP A 197 30.11 -9.97 12.87
C ASP A 197 29.92 -8.48 13.17
N ALA A 198 30.98 -7.69 13.00
CA ALA A 198 30.90 -6.24 13.22
C ALA A 198 30.01 -5.56 12.18
N PHE A 199 30.11 -6.02 10.94
CA PHE A 199 29.25 -5.45 9.91
C PHE A 199 27.79 -5.77 10.18
N LEU A 200 27.49 -7.01 10.55
CA LEU A 200 26.10 -7.38 10.86
C LEU A 200 25.54 -6.62 12.07
N ASP A 201 26.40 -6.40 13.08
CA ASP A 201 26.03 -5.59 14.25
C ASP A 201 25.62 -4.18 13.79
N ALA A 202 26.48 -3.59 12.97
CA ALA A 202 26.22 -2.25 12.41
C ALA A 202 24.96 -2.22 11.56
N ARG A 203 24.73 -3.27 10.77
CA ARG A 203 23.51 -3.38 9.97
C ARG A 203 22.26 -3.39 10.86
N VAL A 204 22.27 -4.23 11.88
CA VAL A 204 21.17 -4.29 12.84
C VAL A 204 20.98 -2.97 13.58
N TRP A 205 22.09 -2.32 13.95
CA TRP A 205 22.01 -0.99 14.55
C TRP A 205 21.27 -0.02 13.64
N ALA A 206 21.54 -0.10 12.34
CA ALA A 206 20.92 0.82 11.41
C ALA A 206 19.43 0.52 11.23
N MET A 207 19.10 -0.76 11.11
CA MET A 207 17.70 -1.16 10.96
C MET A 207 16.85 -0.66 12.12
N ARG A 208 17.42 -0.74 13.32
CA ARG A 208 16.72 -0.31 14.53
C ARG A 208 16.58 1.21 14.60
N GLN A 209 17.59 1.93 14.10
CA GLN A 209 17.48 3.38 14.02
C GLN A 209 16.32 3.80 13.12
N GLU A 210 16.17 3.11 12.00
CA GLU A 210 15.19 3.51 10.98
C GLU A 210 13.78 3.13 11.42
N GLU A 211 13.67 1.99 12.11
CA GLU A 211 12.46 1.62 12.85
C GLU A 211 12.84 0.92 14.15
N ALA A 212 12.38 1.45 15.29
CA ALA A 212 12.77 0.93 16.60
C ALA A 212 12.48 -0.57 16.73
N HIS A 213 11.19 -0.93 16.62
CA HIS A 213 10.77 -2.33 16.73
C HIS A 213 10.90 -3.07 15.41
N SER A 214 12.00 -2.83 14.72
CA SER A 214 12.28 -3.46 13.44
C SER A 214 12.42 -4.97 13.56
N ASP A 215 12.00 -5.66 12.50
CA ASP A 215 12.19 -7.08 12.43
C ASP A 215 13.55 -7.27 11.77
N THR A 216 14.53 -7.73 12.54
CA THR A 216 15.89 -7.86 12.05
C THR A 216 16.21 -9.26 11.53
N SER A 217 15.18 -10.04 11.27
CA SER A 217 15.37 -11.42 10.87
C SER A 217 16.25 -11.64 9.62
N ARG A 218 16.27 -10.67 8.69
CA ARG A 218 17.08 -10.88 7.49
C ARG A 218 18.56 -10.97 7.83
N VAL A 219 18.92 -10.41 8.98
CA VAL A 219 20.22 -10.67 9.58
C VAL A 219 20.14 -11.86 10.55
N ASP A 220 19.28 -11.74 11.56
CA ASP A 220 19.30 -12.68 12.69
C ASP A 220 19.11 -14.14 12.30
N THR A 221 18.18 -14.41 11.39
CA THR A 221 17.88 -15.80 11.04
C THR A 221 18.29 -16.12 9.59
N ALA A 222 19.23 -15.33 9.08
CA ALA A 222 19.76 -15.57 7.73
C ALA A 222 21.26 -15.28 7.64
N GLN A 223 21.64 -14.02 7.46
CA GLN A 223 23.09 -13.69 7.34
C GLN A 223 23.92 -14.15 8.53
N ARG A 224 23.44 -13.89 9.74
CA ARG A 224 24.17 -14.31 10.96
C ARG A 224 24.26 -15.83 11.04
N VAL A 225 23.21 -16.50 10.58
CA VAL A 225 23.21 -17.97 10.56
C VAL A 225 24.23 -18.53 9.58
N PHE A 226 24.27 -18.00 8.36
CA PHE A 226 25.30 -18.40 7.40
C PHE A 226 26.70 -18.19 7.98
N LEU A 227 26.90 -17.06 8.66
CA LEU A 227 28.20 -16.72 9.26
C LEU A 227 28.59 -17.72 10.36
N ARG A 228 27.64 -18.01 11.25
CA ARG A 228 27.88 -18.99 12.32
C ARG A 228 28.19 -20.39 11.78
N ASP A 229 27.55 -20.74 10.66
CA ASP A 229 27.82 -22.01 9.98
C ASP A 229 29.16 -22.00 9.22
N GLY A 230 29.81 -20.84 9.19
CA GLY A 230 31.06 -20.72 8.43
C GLY A 230 30.89 -20.84 6.93
N ASN A 231 29.67 -20.63 6.44
CA ASN A 231 29.39 -20.75 5.01
C ASN A 231 29.84 -19.46 4.31
N LEU A 232 31.15 -19.18 4.40
CA LEU A 232 31.72 -17.93 3.92
C LEU A 232 31.67 -17.76 2.41
N ASN A 233 31.51 -18.87 1.69
CA ASN A 233 31.45 -18.85 0.23
C ASN A 233 30.02 -18.89 -0.29
N LEU A 234 29.07 -18.87 0.64
CA LEU A 234 27.65 -18.90 0.32
C LEU A 234 27.29 -20.03 -0.63
N ASP A 235 27.57 -21.27 -0.22
CA ASP A 235 27.29 -22.47 -1.00
C ASP A 235 26.02 -23.18 -0.52
N PRO A 236 25.15 -23.56 -1.46
CA PRO A 236 23.96 -24.34 -1.11
C PRO A 236 24.34 -25.72 -0.55
N PRO A 237 23.44 -26.34 0.23
CA PRO A 237 22.10 -25.85 0.55
C PRO A 237 22.09 -24.69 1.54
N LEU A 238 21.19 -23.75 1.28
CA LEU A 238 21.02 -22.58 2.12
C LEU A 238 19.64 -22.67 2.70
N ASP A 239 19.55 -22.59 4.03
CA ASP A 239 18.28 -22.61 4.71
C ASP A 239 18.20 -21.41 5.65
N TRP A 240 17.11 -20.66 5.56
CA TRP A 240 16.98 -19.48 6.40
C TRP A 240 15.52 -19.14 6.68
N GLN A 241 15.31 -18.19 7.57
CA GLN A 241 13.97 -17.62 7.78
C GLN A 241 14.05 -16.11 7.66
N VAL A 242 13.00 -15.50 7.10
CA VAL A 242 12.82 -14.06 7.22
C VAL A 242 11.36 -13.84 7.50
N TYR A 243 11.08 -13.06 8.54
CA TYR A 243 9.73 -12.88 9.06
C TYR A 243 9.01 -14.19 9.41
N GLY A 244 9.76 -15.21 9.80
CA GLY A 244 9.15 -16.47 10.20
C GLY A 244 8.85 -17.44 9.06
N ASP A 245 8.94 -16.95 7.81
CA ASP A 245 8.80 -17.86 6.67
C ASP A 245 10.15 -18.52 6.40
N SER A 246 10.10 -19.83 6.12
CA SER A 246 11.30 -20.61 5.87
C SER A 246 11.61 -20.66 4.38
N PHE A 247 12.88 -20.57 4.03
CA PHE A 247 13.31 -20.66 2.64
C PHE A 247 14.44 -21.64 2.49
N HIS A 248 14.56 -22.19 1.29
CA HIS A 248 15.54 -23.22 1.01
C HIS A 248 15.99 -23.11 -0.45
N ILE A 249 17.29 -23.09 -0.65
CA ILE A 249 17.86 -23.23 -1.97
C ILE A 249 18.76 -24.44 -1.91
N GLY A 250 18.44 -25.47 -2.68
CA GLY A 250 19.24 -26.67 -2.65
C GLY A 250 20.44 -26.58 -3.57
N SER B 1 20.41 24.77 -29.11
CA SER B 1 20.77 23.98 -30.28
C SER B 1 20.70 22.49 -29.96
N ALA B 2 20.50 22.18 -28.68
CA ALA B 2 20.08 20.85 -28.28
C ALA B 2 18.58 20.74 -28.58
N PRO B 3 18.10 19.50 -28.84
CA PRO B 3 16.66 19.28 -29.06
C PRO B 3 15.90 19.65 -27.81
N THR B 4 14.75 20.31 -27.95
CA THR B 4 14.04 20.81 -26.77
C THR B 4 12.85 19.91 -26.42
N GLN B 5 12.74 19.59 -25.13
CA GLN B 5 11.70 18.68 -24.62
C GLN B 5 10.44 19.43 -24.21
N PRO B 6 9.26 18.79 -24.37
CA PRO B 6 8.02 19.51 -24.09
C PRO B 6 7.65 19.48 -22.62
N ALA B 7 6.84 20.44 -22.18
CA ALA B 7 6.29 20.42 -20.83
C ALA B 7 5.24 19.32 -20.77
N ALA B 8 4.93 18.86 -19.56
CA ALA B 8 3.95 17.79 -19.39
C ALA B 8 2.48 18.23 -19.63
N HIS B 9 1.67 17.30 -20.13
N HIS B 9 1.66 17.29 -20.10
CA HIS B 9 0.22 17.50 -20.26
CA HIS B 9 0.22 17.51 -20.27
C HIS B 9 -0.53 16.60 -19.27
C HIS B 9 -0.55 16.58 -19.33
N HIS B 10 -1.75 16.98 -18.93
CA HIS B 10 -2.60 16.11 -18.14
C HIS B 10 -3.19 15.03 -19.04
N LEU B 11 -3.09 13.78 -18.61
CA LEU B 11 -3.61 12.68 -19.42
C LEU B 11 -5.14 12.70 -19.40
N GLU B 12 -5.71 13.45 -18.46
CA GLU B 12 -7.13 13.34 -18.13
C GLU B 12 -7.71 14.59 -17.46
N ALA B 13 -8.96 14.89 -17.77
CA ALA B 13 -9.68 15.99 -17.14
C ALA B 13 -9.82 15.77 -15.62
N ALA B 14 -10.16 16.85 -14.91
CA ALA B 14 -10.31 16.80 -13.45
C ALA B 14 -11.42 15.81 -13.07
N ALA B 15 -11.20 15.03 -12.01
CA ALA B 15 -12.19 14.09 -11.52
C ALA B 15 -13.51 14.78 -11.22
N THR B 16 -14.63 14.09 -11.47
CA THR B 16 -15.95 14.68 -11.31
C THR B 16 -16.72 14.02 -10.17
N GLY B 17 -17.72 14.72 -9.64
CA GLY B 17 -18.57 14.16 -8.60
C GLY B 17 -17.78 13.78 -7.36
N LEU B 18 -18.13 12.65 -6.76
CA LEU B 18 -17.54 12.23 -5.49
C LEU B 18 -16.07 11.85 -5.64
N ASP B 19 -15.63 11.64 -6.90
CA ASP B 19 -14.23 11.37 -7.18
C ASP B 19 -13.33 12.62 -7.07
N ASP B 20 -13.91 13.81 -7.07
CA ASP B 20 -13.14 15.01 -6.77
C ASP B 20 -12.60 14.89 -5.34
N PRO B 21 -11.28 15.09 -5.14
CA PRO B 21 -10.70 14.83 -3.81
C PRO B 21 -11.41 15.55 -2.66
N ALA B 22 -11.83 16.80 -2.87
CA ALA B 22 -12.54 17.55 -1.84
C ALA B 22 -13.93 16.99 -1.53
N LYS B 23 -14.67 16.60 -2.57
CA LYS B 23 -15.98 15.96 -2.37
C LYS B 23 -15.82 14.59 -1.73
N LYS B 24 -14.77 13.87 -2.11
CA LYS B 24 -14.51 12.57 -1.50
C LYS B 24 -14.32 12.71 0.01
N ASP B 25 -13.59 13.74 0.42
CA ASP B 25 -13.35 13.90 1.84
C ASP B 25 -14.64 14.32 2.56
N ILE B 26 -15.45 15.13 1.89
CA ILE B 26 -16.77 15.48 2.43
C ILE B 26 -17.61 14.23 2.66
N ALA B 27 -17.61 13.32 1.69
CA ALA B 27 -18.25 12.02 1.87
C ALA B 27 -17.73 11.28 3.11
N MET B 28 -16.41 11.23 3.29
CA MET B 28 -15.85 10.51 4.42
C MET B 28 -16.31 11.15 5.72
N GLN B 29 -16.36 12.48 5.73
CA GLN B 29 -16.84 13.21 6.91
C GLN B 29 -18.31 12.95 7.19
N LEU B 30 -19.12 12.92 6.14
CA LEU B 30 -20.56 12.68 6.30
C LEU B 30 -20.82 11.28 6.85
N VAL B 31 -20.10 10.29 6.32
CA VAL B 31 -20.24 8.91 6.84
C VAL B 31 -19.79 8.88 8.30
N SER B 32 -18.69 9.57 8.59
CA SER B 32 -18.16 9.60 9.95
C SER B 32 -19.16 10.19 10.95
N SER B 33 -19.92 11.18 10.52
CA SER B 33 -20.92 11.77 11.43
C SER B 33 -21.91 10.71 11.92
N ALA B 34 -22.27 9.77 11.05
CA ALA B 34 -23.19 8.70 11.46
C ALA B 34 -22.49 7.56 12.21
N GLU B 35 -21.28 7.21 11.78
CA GLU B 35 -20.58 6.06 12.36
C GLU B 35 -19.89 6.40 13.65
N ASN B 36 -19.42 7.64 13.77
CA ASN B 36 -18.60 8.03 14.91
C ASN B 36 -19.16 9.25 15.66
N SER B 37 -20.21 9.86 15.13
CA SER B 37 -20.70 11.14 15.69
C SER B 37 -19.62 12.23 15.71
N THR B 38 -18.71 12.17 14.74
CA THR B 38 -17.71 13.21 14.55
C THR B 38 -17.35 13.27 13.08
N LEU B 39 -16.78 14.41 12.64
CA LEU B 39 -16.33 14.54 11.26
C LEU B 39 -14.92 13.98 11.09
N ASP B 40 -14.25 13.73 12.20
CA ASP B 40 -12.84 13.33 12.17
C ASP B 40 -12.69 11.83 11.89
N TRP B 41 -12.85 11.43 10.64
CA TRP B 41 -12.83 10.00 10.30
C TRP B 41 -11.46 9.36 10.51
N LYS B 42 -10.40 10.17 10.34
CA LYS B 42 -9.03 9.67 10.49
C LYS B 42 -8.68 9.25 11.90
N ALA B 43 -9.39 9.79 12.89
CA ALA B 43 -9.12 9.46 14.30
C ALA B 43 -9.32 7.95 14.57
N GLN B 44 -10.03 7.29 13.66
CA GLN B 44 -10.32 5.86 13.80
C GLN B 44 -9.27 4.89 13.23
N TYR B 45 -8.21 5.39 12.58
CA TYR B 45 -7.16 4.51 12.03
C TYR B 45 -6.69 3.52 13.11
N GLY B 46 -6.43 4.06 14.30
CA GLY B 46 -5.91 3.29 15.42
C GLY B 46 -6.92 2.68 16.38
N TYR B 47 -8.20 2.92 16.14
CA TYR B 47 -9.25 2.35 16.99
C TYR B 47 -9.24 0.82 16.91
N ILE B 48 -9.37 0.16 18.05
CA ILE B 48 -9.54 -1.29 18.09
C ILE B 48 -10.15 -1.78 19.41
N GLU B 49 -11.28 -2.49 19.29
CA GLU B 49 -11.98 -3.08 20.43
C GLU B 49 -12.75 -4.30 19.95
N ASP B 50 -12.91 -5.28 20.84
CA ASP B 50 -13.90 -6.33 20.64
C ASP B 50 -15.17 -5.86 21.35
N ILE B 51 -16.20 -5.54 20.57
CA ILE B 51 -17.43 -4.99 21.17
C ILE B 51 -18.47 -6.07 21.54
N GLY B 52 -18.11 -7.33 21.37
CA GLY B 52 -18.95 -8.41 21.84
C GLY B 52 -20.13 -8.74 20.94
N ASP B 53 -19.98 -8.40 19.67
CA ASP B 53 -21.01 -8.70 18.67
C ASP B 53 -20.76 -10.03 17.94
N GLY B 54 -19.73 -10.75 18.35
CA GLY B 54 -19.41 -12.03 17.74
C GLY B 54 -18.39 -11.93 16.62
N ARG B 55 -17.91 -10.72 16.36
CA ARG B 55 -17.01 -10.47 15.23
C ARG B 55 -15.53 -10.39 15.61
N GLY B 56 -15.21 -10.58 16.89
CA GLY B 56 -13.83 -10.51 17.34
C GLY B 56 -13.39 -9.06 17.48
N TYR B 57 -12.15 -8.76 17.10
CA TYR B 57 -11.69 -7.37 17.14
C TYR B 57 -12.28 -6.58 15.98
N THR B 58 -12.86 -5.43 16.29
CA THR B 58 -13.32 -4.46 15.29
C THR B 58 -12.33 -3.28 15.32
N ALA B 59 -11.84 -2.87 14.16
CA ALA B 59 -10.77 -1.87 14.14
C ALA B 59 -10.72 -1.01 12.89
N GLY B 60 -9.99 0.10 13.00
CA GLY B 60 -9.72 0.93 11.83
C GLY B 60 -10.87 1.77 11.35
N ILE B 61 -10.70 2.36 10.18
CA ILE B 61 -11.64 3.42 9.75
C ILE B 61 -13.02 2.92 9.37
N ILE B 62 -13.11 1.66 8.96
CA ILE B 62 -14.41 1.10 8.58
C ILE B 62 -14.85 -0.03 9.50
N GLY B 63 -14.11 -0.26 10.58
CA GLY B 63 -14.42 -1.37 11.45
C GLY B 63 -14.14 -2.71 10.80
N PHE B 64 -12.88 -2.91 10.36
CA PHE B 64 -12.42 -4.21 9.89
C PHE B 64 -12.51 -5.19 11.07
N CYS B 65 -12.93 -6.42 10.80
CA CYS B 65 -13.10 -7.42 11.87
C CYS B 65 -12.21 -8.65 11.70
N SER B 66 -11.68 -9.16 12.82
CA SER B 66 -10.91 -10.39 12.79
C SER B 66 -11.78 -11.59 12.47
N GLY B 67 -13.07 -11.49 12.74
CA GLY B 67 -13.98 -12.60 12.56
C GLY B 67 -14.60 -12.73 11.17
N THR B 68 -14.44 -11.72 10.33
CA THR B 68 -15.18 -11.69 9.06
C THR B 68 -14.30 -11.69 7.81
N GLY B 69 -12.98 -11.69 7.99
CA GLY B 69 -12.09 -11.81 6.85
C GLY B 69 -11.54 -10.50 6.30
N ASP B 70 -12.18 -9.37 6.61
CA ASP B 70 -11.71 -8.12 6.02
C ASP B 70 -10.48 -7.55 6.74
N MET B 71 -10.37 -7.79 8.04
CA MET B 71 -9.13 -7.43 8.74
C MET B 71 -7.96 -8.25 8.19
N LEU B 72 -8.17 -9.54 7.98
CA LEU B 72 -7.14 -10.40 7.41
C LEU B 72 -6.69 -9.88 6.04
N ALA B 73 -7.63 -9.61 5.14
CA ALA B 73 -7.29 -9.07 3.81
C ALA B 73 -6.47 -7.77 3.90
N LEU B 74 -6.87 -6.89 4.80
CA LEU B 74 -6.14 -5.63 5.05
C LEU B 74 -4.71 -5.91 5.49
N VAL B 75 -4.53 -6.79 6.47
CA VAL B 75 -3.18 -7.03 6.98
C VAL B 75 -2.28 -7.68 5.93
N GLU B 76 -2.86 -8.55 5.10
N GLU B 76 -2.85 -8.52 5.06
CA GLU B 76 -2.14 -9.15 3.98
CA GLU B 76 -2.05 -9.12 4.00
C GLU B 76 -1.62 -8.10 2.99
C GLU B 76 -1.60 -8.09 2.98
N ARG B 77 -2.48 -7.14 2.66
CA ARG B 77 -2.13 -6.11 1.70
C ARG B 77 -1.06 -5.19 2.30
N TYR B 78 -1.24 -4.84 3.57
CA TYR B 78 -0.24 -4.05 4.29
C TYR B 78 1.10 -4.76 4.27
N THR B 79 1.08 -6.08 4.49
CA THR B 79 2.31 -6.87 4.58
C THR B 79 2.97 -7.04 3.20
N ASP B 80 2.16 -7.18 2.15
CA ASP B 80 2.69 -7.15 0.79
C ASP B 80 3.46 -5.85 0.52
N ARG B 81 2.93 -4.74 1.03
CA ARG B 81 3.52 -3.42 0.78
C ARG B 81 4.63 -3.05 1.76
N SER B 82 4.64 -3.70 2.91
CA SER B 82 5.54 -3.32 3.98
C SER B 82 6.03 -4.54 4.74
N PRO B 83 7.00 -5.27 4.14
CA PRO B 83 7.43 -6.51 4.80
C PRO B 83 7.95 -6.29 6.22
N GLY B 84 7.68 -7.26 7.09
CA GLY B 84 8.12 -7.17 8.47
C GLY B 84 7.54 -6.02 9.26
N ASN B 85 6.38 -5.52 8.83
CA ASN B 85 5.70 -4.51 9.62
C ASN B 85 5.24 -5.15 10.95
N VAL B 86 4.82 -4.33 11.91
CA VAL B 86 4.51 -4.84 13.26
C VAL B 86 3.38 -5.88 13.32
N LEU B 87 2.50 -5.84 12.32
CA LEU B 87 1.33 -6.72 12.30
C LEU B 87 1.55 -8.05 11.57
N ALA B 88 2.62 -8.13 10.79
CA ALA B 88 2.85 -9.29 9.93
C ALA B 88 2.92 -10.62 10.69
N SER B 89 3.52 -10.58 11.87
CA SER B 89 3.64 -11.79 12.70
C SER B 89 2.29 -12.38 13.10
N TYR B 90 1.24 -11.56 13.04
CA TYR B 90 -0.10 -12.01 13.43
C TYR B 90 -0.87 -12.71 12.31
N LEU B 91 -0.32 -12.74 11.10
CA LEU B 91 -1.03 -13.33 9.97
C LEU B 91 -1.50 -14.79 10.17
N PRO B 92 -0.62 -15.68 10.66
CA PRO B 92 -1.10 -17.03 10.95
C PRO B 92 -2.32 -17.02 11.88
N ALA B 93 -2.24 -16.27 12.98
CA ALA B 93 -3.34 -16.19 13.92
C ALA B 93 -4.60 -15.63 13.26
N LEU B 94 -4.45 -14.56 12.48
CA LEU B 94 -5.58 -13.95 11.79
C LEU B 94 -6.22 -14.93 10.79
N ARG B 95 -5.39 -15.74 10.12
CA ARG B 95 -5.93 -16.75 9.19
C ARG B 95 -6.71 -17.82 9.95
N GLU B 96 -6.25 -18.14 11.16
CA GLU B 96 -6.89 -19.17 11.97
C GLU B 96 -8.20 -18.77 12.63
N VAL B 97 -8.24 -17.59 13.24
CA VAL B 97 -9.44 -17.13 13.94
C VAL B 97 -10.55 -16.66 13.01
N ASP B 98 -10.22 -16.43 11.75
CA ASP B 98 -11.18 -16.01 10.73
C ASP B 98 -12.45 -16.85 10.75
N GLY B 99 -13.60 -16.20 10.89
CA GLY B 99 -14.87 -16.89 10.95
C GLY B 99 -15.37 -17.09 12.38
N THR B 100 -14.55 -16.67 13.34
CA THR B 100 -14.87 -16.83 14.77
C THR B 100 -14.53 -15.56 15.54
N ASP B 101 -14.97 -15.49 16.79
CA ASP B 101 -14.62 -14.36 17.65
C ASP B 101 -13.37 -14.61 18.52
N SER B 102 -12.61 -15.66 18.22
CA SER B 102 -11.44 -16.00 19.02
C SER B 102 -10.32 -14.94 18.95
N HIS B 103 -9.63 -14.74 20.07
CA HIS B 103 -8.44 -13.88 20.13
C HIS B 103 -7.16 -14.72 20.19
N ASP B 104 -7.30 -16.02 19.96
CA ASP B 104 -6.17 -16.94 20.04
C ASP B 104 -5.07 -16.54 19.07
N GLY B 105 -3.88 -16.28 19.60
CA GLY B 105 -2.75 -15.87 18.78
C GLY B 105 -2.67 -14.37 18.61
N LEU B 106 -3.71 -13.65 19.04
CA LEU B 106 -3.70 -12.19 18.95
C LEU B 106 -3.35 -11.52 20.28
N ASP B 107 -3.95 -11.97 21.37
CA ASP B 107 -3.69 -11.40 22.68
C ASP B 107 -2.37 -11.95 23.24
N PRO B 108 -1.65 -11.15 24.05
CA PRO B 108 -2.04 -9.81 24.52
C PRO B 108 -1.63 -8.65 23.63
N GLY B 109 -0.73 -8.85 22.67
CA GLY B 109 -0.12 -7.73 21.98
C GLY B 109 -0.86 -7.09 20.80
N PHE B 110 -1.89 -7.76 20.28
CA PHE B 110 -2.53 -7.26 19.05
C PHE B 110 -3.09 -5.82 19.14
N PRO B 111 -3.88 -5.50 20.19
CA PRO B 111 -4.40 -4.12 20.25
C PRO B 111 -3.31 -3.07 20.33
N ARG B 112 -2.27 -3.34 21.12
CA ARG B 112 -1.08 -2.48 21.19
C ARG B 112 -0.44 -2.29 19.83
N ASP B 113 -0.23 -3.39 19.13
CA ASP B 113 0.47 -3.36 17.85
C ASP B 113 -0.36 -2.70 16.75
N TRP B 114 -1.68 -2.87 16.82
CA TRP B 114 -2.57 -2.17 15.90
C TRP B 114 -2.41 -0.65 16.00
N ALA B 115 -2.50 -0.11 17.21
CA ALA B 115 -2.36 1.33 17.42
C ALA B 115 -1.01 1.86 16.92
N GLU B 116 0.06 1.11 17.15
CA GLU B 116 1.39 1.47 16.66
C GLU B 116 1.39 1.49 15.13
N ALA B 117 0.86 0.44 14.52
CA ALA B 117 0.79 0.38 13.05
C ALA B 117 0.03 1.57 12.46
N ALA B 118 -0.98 2.05 13.20
CA ALA B 118 -1.80 3.17 12.73
C ALA B 118 -1.03 4.49 12.60
N LYS B 119 0.16 4.56 13.20
CA LYS B 119 1.03 5.73 13.03
C LYS B 119 1.77 5.72 11.68
N ASP B 120 1.76 4.57 11.02
CA ASP B 120 2.47 4.39 9.75
C ASP B 120 1.56 4.81 8.61
N PRO B 121 1.97 5.85 7.84
CA PRO B 121 1.19 6.32 6.69
C PRO B 121 0.90 5.19 5.69
N VAL B 122 1.79 4.21 5.60
CA VAL B 122 1.54 3.03 4.76
C VAL B 122 0.34 2.18 5.22
N PHE B 123 0.18 2.02 6.53
CA PHE B 123 -0.97 1.31 7.05
C PHE B 123 -2.22 2.16 6.84
N GLN B 124 -2.11 3.45 7.04
CA GLN B 124 -3.26 4.33 6.79
C GLN B 124 -3.72 4.20 5.35
N GLN B 125 -2.76 4.22 4.43
CA GLN B 125 -3.06 4.09 3.00
C GLN B 125 -3.68 2.73 2.65
N ALA B 126 -3.21 1.67 3.31
CA ALA B 126 -3.77 0.33 3.09
C ALA B 126 -5.24 0.30 3.55
N GLN B 127 -5.52 0.93 4.68
CA GLN B 127 -6.90 1.06 5.16
C GLN B 127 -7.76 1.84 4.16
N ASN B 128 -7.25 2.98 3.68
CA ASN B 128 -7.95 3.76 2.67
C ASN B 128 -8.26 2.93 1.42
N ASP B 129 -7.25 2.21 0.95
CA ASP B 129 -7.36 1.45 -0.29
C ASP B 129 -8.35 0.29 -0.16
N GLU B 130 -8.38 -0.34 1.01
CA GLU B 130 -9.35 -1.41 1.23
C GLU B 130 -10.77 -0.85 1.35
N ARG B 131 -10.92 0.28 2.04
CA ARG B 131 -12.21 0.97 2.07
C ARG B 131 -12.66 1.30 0.64
N ASP B 132 -11.74 1.83 -0.16
CA ASP B 132 -12.10 2.23 -1.52
C ASP B 132 -12.38 1.03 -2.44
N ARG B 133 -11.64 -0.06 -2.26
CA ARG B 133 -11.82 -1.25 -3.07
C ARG B 133 -13.22 -1.87 -2.87
N VAL B 134 -13.62 -2.01 -1.62
CA VAL B 134 -14.87 -2.71 -1.27
C VAL B 134 -16.10 -1.78 -1.28
N TYR B 135 -15.92 -0.55 -0.84
CA TYR B 135 -17.06 0.35 -0.63
C TYR B 135 -17.14 1.54 -1.59
N PHE B 136 -16.13 2.41 -1.54
CA PHE B 136 -16.21 3.66 -2.26
C PHE B 136 -16.25 3.51 -3.79
N ASP B 137 -15.25 2.85 -4.36
CA ASP B 137 -15.22 2.69 -5.81
C ASP B 137 -16.46 2.01 -6.41
N PRO B 138 -16.92 0.88 -5.83
CA PRO B 138 -18.11 0.26 -6.43
C PRO B 138 -19.37 1.12 -6.37
N ALA B 139 -19.54 1.84 -5.28
CA ALA B 139 -20.73 2.64 -5.10
C ALA B 139 -20.76 3.84 -6.05
N VAL B 140 -19.64 4.55 -6.11
CA VAL B 140 -19.54 5.72 -6.98
C VAL B 140 -19.62 5.31 -8.44
N ARG B 141 -18.98 4.19 -8.78
CA ARG B 141 -19.00 3.68 -10.16
C ARG B 141 -20.43 3.40 -10.58
N GLN B 142 -21.19 2.75 -9.70
CA GLN B 142 -22.59 2.45 -10.00
C GLN B 142 -23.48 3.69 -10.09
N ALA B 143 -23.28 4.61 -9.16
CA ALA B 143 -24.01 5.87 -9.16
C ALA B 143 -23.80 6.65 -10.46
N LYS B 144 -22.54 6.75 -10.89
CA LYS B 144 -22.23 7.42 -12.16
C LYS B 144 -22.88 6.70 -13.34
N ASP B 145 -22.86 5.37 -13.32
CA ASP B 145 -23.49 4.60 -14.38
C ASP B 145 -25.00 4.85 -14.44
N ASP B 146 -25.60 5.11 -13.27
CA ASP B 146 -27.03 5.40 -13.16
C ASP B 146 -27.31 6.87 -13.51
N GLY B 147 -26.26 7.64 -13.79
CA GLY B 147 -26.39 9.02 -14.22
C GLY B 147 -26.64 10.01 -13.09
N LEU B 148 -26.20 9.67 -11.88
CA LEU B 148 -26.47 10.48 -10.70
C LEU B 148 -25.34 11.46 -10.44
N GLY B 149 -25.70 12.64 -9.94
CA GLY B 149 -24.73 13.62 -9.49
C GLY B 149 -24.10 13.28 -8.15
N THR B 150 -23.40 14.26 -7.59
CA THR B 150 -22.59 14.02 -6.39
C THR B 150 -23.41 13.58 -5.16
N LEU B 151 -24.59 14.18 -4.98
CA LEU B 151 -25.45 13.78 -3.87
C LEU B 151 -25.89 12.32 -3.99
N GLY B 152 -26.29 11.92 -5.20
CA GLY B 152 -26.71 10.54 -5.44
C GLY B 152 -25.54 9.57 -5.23
N GLN B 153 -24.35 9.98 -5.68
CA GLN B 153 -23.15 9.18 -5.47
C GLN B 153 -22.89 9.00 -3.98
N PHE B 154 -23.10 10.07 -3.20
CA PHE B 154 -22.96 9.95 -1.76
C PHE B 154 -24.00 9.00 -1.12
N ALA B 155 -25.26 9.11 -1.54
CA ALA B 155 -26.30 8.22 -1.02
C ALA B 155 -25.96 6.74 -1.24
N TYR B 156 -25.47 6.43 -2.43
CA TYR B 156 -25.00 5.07 -2.72
C TYR B 156 -23.85 4.66 -1.80
N TYR B 157 -22.91 5.57 -1.55
CA TYR B 157 -21.77 5.24 -0.69
C TYR B 157 -22.18 4.99 0.76
N ASP B 158 -23.02 5.87 1.31
CA ASP B 158 -23.45 5.68 2.68
C ASP B 158 -24.21 4.36 2.84
N ALA B 159 -24.93 3.98 1.78
CA ALA B 159 -25.71 2.75 1.78
C ALA B 159 -24.83 1.51 1.80
N ILE B 160 -23.83 1.49 0.92
CA ILE B 160 -22.94 0.33 0.85
C ILE B 160 -22.08 0.23 2.13
N VAL B 161 -21.73 1.37 2.73
CA VAL B 161 -20.97 1.33 3.99
C VAL B 161 -21.75 0.58 5.08
N MET B 162 -23.04 0.93 5.24
N MET B 162 -23.05 0.90 5.20
CA MET B 162 -23.86 0.28 6.26
CA MET B 162 -23.85 0.30 6.25
C MET B 162 -24.33 -1.14 5.89
C MET B 162 -24.37 -1.11 5.90
N HIS B 163 -24.75 -1.31 4.63
CA HIS B 163 -25.41 -2.56 4.25
C HIS B 163 -24.56 -3.55 3.47
N GLY B 164 -23.36 -3.12 3.08
CA GLY B 164 -22.44 -3.98 2.34
C GLY B 164 -22.80 -4.16 0.87
N GLY B 165 -21.89 -4.79 0.12
CA GLY B 165 -22.07 -5.02 -1.30
C GLY B 165 -22.37 -6.48 -1.59
N GLY B 166 -22.93 -7.17 -0.60
CA GLY B 166 -23.31 -8.55 -0.77
C GLY B 166 -24.59 -8.71 -1.56
N GLY B 167 -25.09 -9.93 -1.64
CA GLY B 167 -26.29 -10.16 -2.40
C GLY B 167 -27.54 -10.27 -1.55
N ASP B 168 -27.42 -9.98 -0.26
CA ASP B 168 -28.53 -10.23 0.65
C ASP B 168 -29.68 -9.24 0.45
N SER B 169 -30.84 -9.55 1.02
CA SER B 169 -32.06 -8.79 0.75
C SER B 169 -32.04 -7.33 1.20
N THR B 170 -31.13 -6.96 2.11
CA THR B 170 -31.01 -5.56 2.49
C THR B 170 -29.65 -4.95 2.16
N SER B 171 -28.95 -5.56 1.22
CA SER B 171 -27.66 -5.04 0.75
C SER B 171 -27.84 -3.79 -0.13
N PHE B 172 -26.74 -3.10 -0.41
CA PHE B 172 -26.76 -1.96 -1.34
C PHE B 172 -27.43 -2.33 -2.67
N GLY B 173 -27.03 -3.46 -3.24
CA GLY B 173 -27.61 -3.90 -4.50
C GLY B 173 -29.11 -4.07 -4.43
N SER B 174 -29.58 -4.65 -3.33
CA SER B 174 -31.02 -4.87 -3.18
C SER B 174 -31.78 -3.58 -2.98
N ILE B 175 -31.15 -2.64 -2.27
CA ILE B 175 -31.76 -1.32 -2.05
C ILE B 175 -31.92 -0.61 -3.39
N ARG B 176 -30.84 -0.59 -4.17
CA ARG B 176 -30.88 -0.08 -5.54
C ARG B 176 -31.97 -0.74 -6.40
N GLN B 177 -32.05 -2.07 -6.36
CA GLN B 177 -33.07 -2.77 -7.16
C GLN B 177 -34.49 -2.34 -6.79
N ARG B 178 -34.73 -2.14 -5.50
CA ARG B 178 -36.03 -1.66 -5.01
C ARG B 178 -36.34 -0.27 -5.56
N ALA B 179 -35.34 0.60 -5.55
CA ALA B 179 -35.53 1.96 -6.06
C ALA B 179 -35.80 1.97 -7.55
N LEU B 180 -35.04 1.17 -8.30
CA LEU B 180 -35.21 1.09 -9.75
C LEU B 180 -36.60 0.60 -10.13
N ALA B 181 -37.18 -0.23 -9.27
CA ALA B 181 -38.51 -0.76 -9.53
C ALA B 181 -39.57 0.34 -9.45
N GLU B 182 -39.32 1.33 -8.60
CA GLU B 182 -40.28 2.40 -8.35
C GLU B 182 -40.08 3.61 -9.29
N ALA B 183 -38.84 3.84 -9.71
CA ALA B 183 -38.51 5.04 -10.47
C ALA B 183 -37.33 4.80 -11.40
N GLU B 184 -37.37 5.40 -12.59
CA GLU B 184 -36.27 5.26 -13.53
C GLU B 184 -35.10 6.16 -13.13
N PRO B 185 -33.87 5.64 -13.23
CA PRO B 185 -32.70 6.46 -12.95
C PRO B 185 -32.46 7.42 -14.12
N PRO B 186 -31.68 8.50 -13.91
CA PRO B 186 -31.38 9.44 -14.99
C PRO B 186 -30.76 8.80 -16.23
N SER B 187 -30.01 7.72 -16.06
CA SER B 187 -29.41 7.00 -17.18
C SER B 187 -30.48 6.47 -18.14
N ARG B 188 -31.71 6.39 -17.66
CA ARG B 188 -32.82 5.92 -18.47
C ARG B 188 -33.88 7.01 -18.64
N GLY B 189 -33.45 8.26 -18.48
CA GLY B 189 -34.34 9.39 -18.74
C GLY B 189 -35.19 9.81 -17.56
N GLY B 190 -35.02 9.15 -16.42
CA GLY B 190 -35.79 9.48 -15.23
C GLY B 190 -35.35 10.75 -14.51
N ASP B 191 -36.30 11.45 -13.91
CA ASP B 191 -36.00 12.62 -13.08
C ASP B 191 -35.11 12.22 -11.91
N GLU B 192 -34.01 12.94 -11.69
CA GLU B 192 -33.06 12.56 -10.64
C GLU B 192 -33.66 12.66 -9.23
N VAL B 193 -34.40 13.73 -8.96
CA VAL B 193 -35.00 13.88 -7.64
C VAL B 193 -35.99 12.78 -7.29
N ALA B 194 -36.88 12.47 -8.24
CA ALA B 194 -37.83 11.39 -8.04
C ALA B 194 -37.10 10.06 -7.79
N TYR B 195 -36.02 9.82 -8.54
CA TYR B 195 -35.26 8.58 -8.33
C TYR B 195 -34.56 8.56 -6.97
N LEU B 196 -33.92 9.67 -6.61
CA LEU B 196 -33.26 9.73 -5.31
C LEU B 196 -34.26 9.64 -4.15
N ASP B 197 -35.47 10.19 -4.32
CA ASP B 197 -36.49 9.99 -3.28
C ASP B 197 -36.82 8.49 -3.16
N ALA B 198 -36.91 7.79 -4.30
CA ALA B 198 -37.15 6.34 -4.23
C ALA B 198 -35.98 5.57 -3.63
N PHE B 199 -34.75 5.99 -3.94
CA PHE B 199 -33.59 5.32 -3.36
C PHE B 199 -33.56 5.53 -1.85
N LEU B 200 -33.80 6.76 -1.41
CA LEU B 200 -33.84 7.01 0.03
C LEU B 200 -34.95 6.25 0.73
N ASP B 201 -36.12 6.13 0.10
CA ASP B 201 -37.21 5.32 0.68
C ASP B 201 -36.75 3.88 0.87
N ALA B 202 -36.11 3.34 -0.16
CA ALA B 202 -35.58 1.97 -0.12
C ALA B 202 -34.51 1.80 0.96
N ARG B 203 -33.66 2.82 1.12
CA ARG B 203 -32.64 2.82 2.18
C ARG B 203 -33.28 2.71 3.57
N VAL B 204 -34.28 3.55 3.80
CA VAL B 204 -35.02 3.54 5.06
C VAL B 204 -35.73 2.20 5.28
N TRP B 205 -36.31 1.67 4.22
CA TRP B 205 -36.94 0.34 4.27
C TRP B 205 -35.94 -0.71 4.76
N ALA B 206 -34.72 -0.64 4.25
CA ALA B 206 -33.71 -1.63 4.59
C ALA B 206 -33.22 -1.45 6.01
N MET B 207 -33.00 -0.20 6.42
CA MET B 207 -32.56 0.09 7.78
C MET B 207 -33.58 -0.48 8.77
N ARG B 208 -34.85 -0.35 8.42
CA ARG B 208 -35.92 -0.86 9.30
C ARG B 208 -36.05 -2.38 9.27
N GLN B 209 -35.82 -2.98 8.10
CA GLN B 209 -35.81 -4.43 7.96
C GLN B 209 -34.74 -5.05 8.89
N GLU B 210 -33.61 -4.37 9.00
CA GLU B 210 -32.47 -4.91 9.75
C GLU B 210 -32.64 -4.80 11.25
N GLU B 211 -33.24 -3.70 11.71
CA GLU B 211 -33.78 -3.59 13.07
C GLU B 211 -35.07 -2.80 12.99
N ALA B 212 -36.16 -3.33 13.55
CA ALA B 212 -37.48 -2.72 13.38
C ALA B 212 -37.51 -1.21 13.69
N HIS B 213 -37.18 -0.84 14.93
CA HIS B 213 -37.17 0.56 15.34
C HIS B 213 -35.81 1.23 15.11
N SER B 214 -35.21 0.96 13.95
CA SER B 214 -33.91 1.52 13.62
C SER B 214 -33.92 3.05 13.59
N ASP B 215 -32.77 3.65 13.87
CA ASP B 215 -32.64 5.10 13.80
C ASP B 215 -32.30 5.49 12.37
N THR B 216 -33.25 6.15 11.70
CA THR B 216 -33.10 6.47 10.28
C THR B 216 -32.63 7.88 10.00
N SER B 217 -32.14 8.60 11.02
CA SER B 217 -31.75 10.01 10.86
C SER B 217 -30.66 10.30 9.80
N ARG B 218 -29.75 9.35 9.54
CA ARG B 218 -28.70 9.63 8.55
C ARG B 218 -29.34 9.85 7.17
N VAL B 219 -30.55 9.32 7.00
CA VAL B 219 -31.38 9.70 5.84
C VAL B 219 -32.25 10.91 6.16
N ASP B 220 -33.08 10.77 7.20
CA ASP B 220 -34.15 11.74 7.49
C ASP B 220 -33.64 13.17 7.71
N THR B 221 -32.57 13.33 8.49
CA THR B 221 -32.10 14.68 8.80
C THR B 221 -30.77 15.02 8.14
N ALA B 222 -30.45 14.31 7.07
CA ALA B 222 -29.24 14.57 6.30
C ALA B 222 -29.47 14.43 4.81
N GLN B 223 -29.42 13.20 4.30
CA GLN B 223 -29.62 12.98 2.86
C GLN B 223 -30.93 13.56 2.29
N ARG B 224 -32.04 13.30 2.97
CA ARG B 224 -33.33 13.81 2.51
C ARG B 224 -33.37 15.35 2.58
N VAL B 225 -32.68 15.90 3.57
CA VAL B 225 -32.61 17.36 3.71
C VAL B 225 -31.83 17.97 2.54
N PHE B 226 -30.66 17.39 2.22
CA PHE B 226 -29.90 17.80 1.04
C PHE B 226 -30.75 17.71 -0.24
N LEU B 227 -31.50 16.61 -0.37
CA LEU B 227 -32.35 16.42 -1.57
C LEU B 227 -33.47 17.49 -1.66
N ARG B 228 -34.16 17.78 -0.56
CA ARG B 228 -35.20 18.81 -0.55
C ARG B 228 -34.64 20.20 -0.86
N ASP B 229 -33.39 20.40 -0.49
CA ASP B 229 -32.68 21.65 -0.75
CA ASP B 229 -32.67 21.65 -0.76
C ASP B 229 -32.24 21.76 -2.22
N GLY B 230 -32.40 20.67 -2.96
CA GLY B 230 -31.95 20.61 -4.35
C GLY B 230 -30.43 20.64 -4.50
N ASN B 231 -29.71 20.28 -3.44
CA ASN B 231 -28.25 20.33 -3.45
C ASN B 231 -27.69 19.09 -4.13
N LEU B 232 -28.02 18.91 -5.41
CA LEU B 232 -27.67 17.70 -6.16
C LEU B 232 -26.17 17.54 -6.39
N ASN B 233 -25.43 18.65 -6.31
CA ASN B 233 -23.97 18.60 -6.49
C ASN B 233 -23.24 18.53 -5.15
N LEU B 234 -24.01 18.43 -4.06
CA LEU B 234 -23.45 18.33 -2.71
C LEU B 234 -22.38 19.41 -2.44
N ASP B 235 -22.78 20.66 -2.59
CA ASP B 235 -21.87 21.78 -2.37
C ASP B 235 -22.07 22.35 -0.97
N PRO B 236 -20.95 22.64 -0.28
CA PRO B 236 -21.04 23.34 1.01
C PRO B 236 -21.63 24.74 0.79
N PRO B 237 -22.22 25.33 1.83
CA PRO B 237 -22.27 24.79 3.20
C PRO B 237 -23.25 23.63 3.37
N LEU B 238 -22.85 22.64 4.18
CA LEU B 238 -23.70 21.51 4.49
C LEU B 238 -24.01 21.57 5.96
N ASP B 239 -25.29 21.49 6.30
CA ASP B 239 -25.72 21.44 7.70
C ASP B 239 -26.69 20.32 7.83
N TRP B 240 -26.47 19.44 8.80
CA TRP B 240 -27.33 18.27 8.98
C TRP B 240 -27.32 17.81 10.42
N GLN B 241 -28.18 16.84 10.73
CA GLN B 241 -28.17 16.20 12.03
C GLN B 241 -28.09 14.69 11.85
N VAL B 242 -27.42 14.01 12.77
CA VAL B 242 -27.55 12.56 12.91
C VAL B 242 -27.68 12.28 14.39
N TYR B 243 -28.66 11.47 14.78
CA TYR B 243 -29.00 11.20 16.19
C TYR B 243 -29.27 12.47 17.00
N GLY B 244 -29.75 13.52 16.35
CA GLY B 244 -30.06 14.76 17.05
C GLY B 244 -28.89 15.72 17.24
N ASP B 245 -27.67 15.25 16.97
CA ASP B 245 -26.49 16.11 17.02
C ASP B 245 -26.33 16.88 15.71
N SER B 246 -25.92 18.15 15.81
CA SER B 246 -25.77 19.00 14.62
C SER B 246 -24.34 19.04 14.09
N PHE B 247 -24.22 18.98 12.76
CA PHE B 247 -22.92 19.01 12.08
C PHE B 247 -22.90 20.07 11.00
N HIS B 248 -21.70 20.57 10.68
CA HIS B 248 -21.54 21.62 9.68
C HIS B 248 -20.22 21.49 8.93
N ILE B 249 -20.30 21.56 7.60
CA ILE B 249 -19.12 21.68 6.77
C ILE B 249 -19.27 22.98 5.98
N GLY B 250 -18.31 23.89 6.15
CA GLY B 250 -18.32 25.17 5.49
C GLY B 250 -17.69 25.12 4.10
#